data_4MOB
#
_entry.id   4MOB
#
_cell.length_a   138.850
_cell.length_b   138.850
_cell.length_c   138.850
_cell.angle_alpha   90.00
_cell.angle_beta   90.00
_cell.angle_gamma   90.00
#
_symmetry.space_group_name_H-M   'I 2 3'
#
loop_
_entity.id
_entity.type
_entity.pdbx_description
1 polymer 'Acyl-coenzyme A thioesterase 12'
2 non-polymer 'COENZYME A'
3 non-polymer "ADENOSINE-5'-DIPHOSPHATE"
4 water water
#
_entity_poly.entity_id   1
_entity_poly.type   'polypeptide(L)'
_entity_poly.pdbx_seq_one_letter_code
;SMGEVVMSQAIQPAHATARGELSAGQLLKWIDTTACLAAEKHAGVSCVTASVDDIQFEETARVGQVITIKAKVTRAFSTS
MEISIKVMVQDMLTGIEKLVSVAFSTFVAKPVGKEKIHLKPVTLLTEQDHVEHNLAAERRKVRLQHEDTFNNLMKESSKF
DDLIFDEEEGAVSTRGTSVQSIELVLPPHANHHGNTFGGQIMAWMETVATISASRLCWAHPFLKSVDMFKFRGPSTVGDR
LVFTAIVNNTFQTCVEVGVRVEAFDCQEWAEGRGRHINSAFLIYNAADDKENLITFPRIQPISKDDFRRYRGAIARKRIR
LGRKYVISHKEE
;
_entity_poly.pdbx_strand_id   A
#
# COMPACT_ATOMS: atom_id res chain seq x y z
N GLU A 4 4.62 -21.89 -1.15
CA GLU A 4 6.06 -21.96 -0.89
C GLU A 4 6.35 -21.41 0.50
N VAL A 5 6.39 -20.08 0.65
CA VAL A 5 6.66 -19.50 1.98
C VAL A 5 5.39 -19.18 2.81
N VAL A 6 5.35 -19.68 4.04
CA VAL A 6 4.19 -19.55 4.90
C VAL A 6 4.49 -18.89 6.26
N MET A 7 3.78 -17.79 6.53
CA MET A 7 3.90 -17.08 7.81
C MET A 7 2.56 -17.12 8.56
N SER A 8 2.61 -17.47 9.84
CA SER A 8 1.43 -17.45 10.70
C SER A 8 1.68 -16.47 11.84
N GLN A 9 0.70 -15.61 12.11
CA GLN A 9 0.84 -14.60 13.16
C GLN A 9 -0.46 -14.57 13.97
N ALA A 10 -0.37 -14.77 15.28
CA ALA A 10 -1.55 -14.53 16.10
C ALA A 10 -1.66 -13.02 16.35
N ILE A 11 -2.86 -12.49 16.19
CA ILE A 11 -3.05 -11.06 16.38
C ILE A 11 -3.14 -10.72 17.87
N GLN A 12 -2.13 -10.01 18.37
CA GLN A 12 -2.07 -9.63 19.79
C GLN A 12 -2.45 -8.17 19.95
N PRO A 13 -2.69 -7.74 21.20
CA PRO A 13 -2.81 -6.30 21.44
C PRO A 13 -1.70 -5.47 20.80
N ALA A 14 -0.46 -5.94 20.83
CA ALA A 14 0.64 -5.18 20.20
C ALA A 14 0.46 -4.84 18.69
N HIS A 15 -0.37 -5.61 17.99
CA HIS A 15 -0.55 -5.39 16.56
C HIS A 15 -1.85 -4.64 16.29
N ALA A 16 -2.54 -4.29 17.37
CA ALA A 16 -3.93 -3.91 17.25
C ALA A 16 -4.13 -2.42 17.37
N THR A 17 -5.26 -1.95 16.86
CA THR A 17 -5.67 -0.56 17.05
C THR A 17 -6.47 -0.43 18.31
N ALA A 18 -6.89 0.80 18.54
CA ALA A 18 -7.81 1.17 19.62
C ALA A 18 -9.02 0.23 19.71
N ARG A 19 -9.53 -0.18 18.56
CA ARG A 19 -10.76 -0.98 18.50
C ARG A 19 -10.52 -2.50 18.51
N GLY A 20 -9.29 -2.93 18.75
CA GLY A 20 -9.03 -4.36 18.86
C GLY A 20 -8.94 -5.04 17.51
N GLU A 21 -8.73 -4.23 16.48
CA GLU A 21 -8.58 -4.74 15.11
C GLU A 21 -7.13 -4.68 14.67
N LEU A 22 -6.71 -5.66 13.88
CA LEU A 22 -5.36 -5.69 13.33
C LEU A 22 -5.05 -4.39 12.58
N SER A 23 -3.91 -3.78 12.89
CA SER A 23 -3.49 -2.62 12.14
C SER A 23 -3.22 -3.03 10.70
N ALA A 24 -3.83 -2.31 9.76
CA ALA A 24 -3.64 -2.62 8.34
C ALA A 24 -2.16 -2.50 7.97
N GLY A 25 -1.50 -1.50 8.56
CA GLY A 25 -0.09 -1.27 8.31
C GLY A 25 0.76 -2.45 8.75
N GLN A 26 0.41 -3.01 9.90
CA GLN A 26 1.07 -4.22 10.38
C GLN A 26 0.90 -5.39 9.39
N LEU A 27 -0.31 -5.51 8.83
CA LEU A 27 -0.59 -6.57 7.87
C LEU A 27 0.21 -6.37 6.59
N LEU A 28 0.29 -5.12 6.13
CA LEU A 28 1.10 -4.81 4.94
C LEU A 28 2.56 -5.20 5.18
N LYS A 29 3.08 -4.93 6.37
CA LYS A 29 4.48 -5.28 6.68
C LYS A 29 4.69 -6.78 6.62
N TRP A 30 3.73 -7.53 7.15
CA TRP A 30 3.81 -8.99 7.17
C TRP A 30 3.72 -9.60 5.78
N ILE A 31 2.80 -9.06 4.96
CA ILE A 31 2.66 -9.49 3.57
C ILE A 31 3.99 -9.29 2.84
N ASP A 32 4.57 -8.11 3.00
CA ASP A 32 5.79 -7.79 2.30
C ASP A 32 6.97 -8.65 2.74
N THR A 33 7.00 -9.00 4.03
CA THR A 33 8.09 -9.83 4.55
C THR A 33 8.02 -11.24 3.96
N THR A 34 6.80 -11.79 3.95
CA THR A 34 6.57 -13.11 3.39
C THR A 34 6.90 -13.12 1.90
N ALA A 35 6.44 -12.09 1.19
CA ALA A 35 6.71 -11.98 -0.23
C ALA A 35 8.21 -11.90 -0.50
N CYS A 36 8.91 -11.02 0.24
CA CYS A 36 10.36 -10.89 0.10
C CYS A 36 11.07 -12.21 0.31
N LEU A 37 10.61 -13.00 1.28
CA LEU A 37 11.27 -14.26 1.55
C LEU A 37 11.05 -15.23 0.40
N ALA A 38 9.85 -15.20 -0.20
CA ALA A 38 9.57 -15.99 -1.41
C ALA A 38 10.52 -15.57 -2.55
N ALA A 39 10.68 -14.27 -2.76
CA ALA A 39 11.60 -13.80 -3.80
C ALA A 39 13.04 -14.25 -3.54
N GLU A 40 13.49 -14.12 -2.29
CA GLU A 40 14.87 -14.47 -1.95
C GLU A 40 15.11 -15.99 -1.97
N LYS A 41 14.04 -16.78 -1.84
CA LYS A 41 14.20 -18.22 -1.89
C LYS A 41 14.48 -18.61 -3.33
N HIS A 42 13.89 -17.85 -4.26
CA HIS A 42 14.18 -18.06 -5.66
C HIS A 42 15.54 -17.48 -6.09
N ALA A 43 15.88 -16.28 -5.60
CA ALA A 43 17.03 -15.52 -6.13
C ALA A 43 18.35 -15.84 -5.45
N GLY A 44 18.27 -16.18 -4.17
CA GLY A 44 19.46 -16.52 -3.41
C GLY A 44 20.33 -15.32 -3.10
N VAL A 45 19.83 -14.12 -3.38
CA VAL A 45 20.46 -12.90 -2.92
C VAL A 45 19.37 -12.06 -2.28
N SER A 46 19.75 -10.94 -1.70
CA SER A 46 18.79 -10.02 -1.09
C SER A 46 17.94 -9.32 -2.15
N CYS A 47 16.64 -9.18 -1.83
CA CYS A 47 15.64 -8.65 -2.75
C CYS A 47 14.85 -7.53 -2.07
N VAL A 48 14.55 -6.47 -2.82
CA VAL A 48 13.79 -5.33 -2.30
C VAL A 48 12.47 -5.17 -3.07
N THR A 49 11.50 -4.55 -2.40
CA THR A 49 10.18 -4.34 -2.98
C THR A 49 10.28 -3.32 -4.11
N ALA A 50 9.91 -3.74 -5.33
CA ALA A 50 9.93 -2.86 -6.49
C ALA A 50 8.56 -2.17 -6.60
N SER A 51 7.50 -2.96 -6.48
CA SER A 51 6.14 -2.41 -6.55
C SER A 51 5.15 -3.36 -5.92
N VAL A 52 3.96 -2.84 -5.67
CA VAL A 52 2.88 -3.65 -5.13
C VAL A 52 1.66 -3.41 -6.02
N ASP A 53 0.92 -4.47 -6.33
CA ASP A 53 -0.31 -4.31 -7.12
C ASP A 53 -1.46 -3.78 -6.24
N ASP A 54 -2.63 -3.56 -6.84
CA ASP A 54 -3.83 -3.27 -6.05
C ASP A 54 -3.98 -4.36 -5.00
N ILE A 55 -4.27 -3.95 -3.76
CA ILE A 55 -4.58 -4.90 -2.72
C ILE A 55 -5.86 -4.51 -2.03
N GLN A 56 -6.77 -5.46 -1.93
CA GLN A 56 -8.05 -5.19 -1.34
C GLN A 56 -8.19 -6.08 -0.12
N PHE A 57 -8.76 -5.54 0.96
CA PHE A 57 -8.97 -6.33 2.16
C PHE A 57 -10.43 -6.72 2.32
N GLU A 58 -10.72 -8.01 2.31
CA GLU A 58 -12.08 -8.53 2.36
C GLU A 58 -12.64 -8.66 3.77
N GLU A 59 -11.75 -8.70 4.76
CA GLU A 59 -12.15 -8.82 6.17
C GLU A 59 -11.23 -7.92 6.96
N THR A 60 -11.66 -7.55 8.17
CA THR A 60 -10.73 -6.88 9.08
C THR A 60 -10.49 -7.78 10.28
N ALA A 61 -9.28 -8.36 10.36
CA ALA A 61 -8.98 -9.36 11.38
C ALA A 61 -8.93 -8.72 12.78
N ARG A 62 -9.16 -9.52 13.82
CA ARG A 62 -9.27 -8.99 15.18
C ARG A 62 -8.26 -9.61 16.11
N VAL A 63 -7.94 -8.90 17.21
CA VAL A 63 -7.13 -9.50 18.28
C VAL A 63 -7.71 -10.88 18.60
N GLY A 64 -6.83 -11.88 18.72
CA GLY A 64 -7.26 -13.22 19.08
C GLY A 64 -7.42 -14.15 17.89
N GLN A 65 -7.33 -13.60 16.68
CA GLN A 65 -7.40 -14.45 15.50
C GLN A 65 -6.01 -14.67 14.93
N VAL A 66 -5.89 -15.63 14.02
CA VAL A 66 -4.59 -15.97 13.47
C VAL A 66 -4.57 -15.71 11.97
N ILE A 67 -3.57 -14.92 11.54
CA ILE A 67 -3.35 -14.60 10.14
C ILE A 67 -2.42 -15.65 9.55
N THR A 68 -2.73 -16.13 8.34
CA THR A 68 -1.81 -17.03 7.64
C THR A 68 -1.52 -16.46 6.25
N ILE A 69 -0.23 -16.33 5.93
CA ILE A 69 0.17 -15.69 4.68
C ILE A 69 1.01 -16.66 3.86
N LYS A 70 0.60 -16.93 2.63
CA LYS A 70 1.33 -17.82 1.71
C LYS A 70 1.79 -17.01 0.49
N ALA A 71 3.08 -17.07 0.17
CA ALA A 71 3.60 -16.32 -0.96
C ALA A 71 4.42 -17.24 -1.84
N LYS A 72 4.40 -16.98 -3.14
CA LYS A 72 5.07 -17.86 -4.08
C LYS A 72 5.59 -17.03 -5.24
N VAL A 73 6.76 -17.38 -5.78
CA VAL A 73 7.21 -16.75 -7.01
C VAL A 73 6.42 -17.36 -8.17
N THR A 74 5.74 -16.52 -8.95
CA THR A 74 4.94 -17.01 -10.08
C THR A 74 5.76 -16.99 -11.38
N ARG A 75 6.69 -16.04 -11.49
CA ARG A 75 7.51 -15.87 -12.68
C ARG A 75 8.73 -15.01 -12.35
N ALA A 76 9.89 -15.40 -12.87
CA ALA A 76 11.07 -14.57 -12.75
C ALA A 76 11.44 -14.00 -14.12
N PHE A 77 11.75 -12.71 -14.17
CA PHE A 77 12.13 -12.08 -15.42
C PHE A 77 13.63 -11.97 -15.53
N SER A 78 14.15 -10.74 -15.60
CA SER A 78 15.60 -10.60 -15.67
C SER A 78 16.19 -10.34 -14.28
N THR A 79 15.83 -9.22 -13.67
CA THR A 79 16.24 -8.95 -12.29
C THR A 79 15.03 -8.95 -11.36
N SER A 80 13.84 -9.01 -11.93
CA SER A 80 12.66 -8.86 -11.11
C SER A 80 11.90 -10.15 -11.08
N MET A 81 11.10 -10.35 -10.05
CA MET A 81 10.13 -11.43 -10.07
C MET A 81 8.77 -11.03 -9.52
N GLU A 82 7.72 -11.62 -10.07
CA GLU A 82 6.36 -11.44 -9.53
C GLU A 82 6.06 -12.46 -8.43
N ILE A 83 5.56 -11.94 -7.31
CA ILE A 83 5.20 -12.77 -6.18
C ILE A 83 3.69 -12.69 -5.99
N SER A 84 3.05 -13.84 -5.85
CA SER A 84 1.63 -13.83 -5.53
C SER A 84 1.45 -14.17 -4.05
N ILE A 85 0.50 -13.50 -3.40
CA ILE A 85 0.29 -13.66 -1.96
C ILE A 85 -1.19 -13.95 -1.65
N LYS A 86 -1.44 -14.87 -0.73
CA LYS A 86 -2.81 -15.08 -0.26
C LYS A 86 -2.81 -14.94 1.25
N VAL A 87 -3.77 -14.18 1.78
CA VAL A 87 -3.93 -13.99 3.22
C VAL A 87 -5.28 -14.53 3.71
N MET A 88 -5.23 -15.47 4.65
CA MET A 88 -6.41 -16.07 5.28
C MET A 88 -6.45 -15.59 6.72
N VAL A 89 -7.64 -15.55 7.32
CA VAL A 89 -7.74 -15.30 8.76
C VAL A 89 -8.55 -16.42 9.38
N GLN A 90 -8.15 -16.88 10.55
CA GLN A 90 -8.89 -17.93 11.21
C GLN A 90 -9.34 -17.43 12.55
N ASP A 91 -10.61 -17.64 12.88
CA ASP A 91 -11.09 -17.31 14.22
C ASP A 91 -10.78 -18.48 15.13
N MET A 92 -10.12 -18.21 16.25
CA MET A 92 -9.65 -19.30 17.11
C MET A 92 -10.69 -19.81 18.13
N LEU A 93 -11.92 -19.30 18.03
CA LEU A 93 -13.00 -19.81 18.87
C LEU A 93 -14.01 -20.64 18.08
N THR A 94 -14.22 -20.24 16.82
CA THR A 94 -15.15 -20.95 15.94
C THR A 94 -14.42 -21.84 14.94
N GLY A 95 -13.11 -21.64 14.81
CA GLY A 95 -12.31 -22.40 13.85
C GLY A 95 -12.53 -22.02 12.39
N ILE A 96 -13.40 -21.03 12.17
CA ILE A 96 -13.74 -20.60 10.81
C ILE A 96 -12.64 -19.75 10.13
N GLU A 97 -12.30 -20.11 8.90
CA GLU A 97 -11.34 -19.36 8.07
C GLU A 97 -12.02 -18.53 6.98
N LYS A 98 -11.52 -17.33 6.74
CA LYS A 98 -12.03 -16.46 5.68
C LYS A 98 -10.88 -15.84 4.88
N LEU A 99 -11.11 -15.60 3.60
CA LEU A 99 -10.13 -14.95 2.75
C LEU A 99 -10.02 -13.48 3.15
N VAL A 100 -8.79 -13.00 3.37
CA VAL A 100 -8.61 -11.58 3.65
C VAL A 100 -8.22 -10.82 2.40
N SER A 101 -7.33 -11.42 1.63
CA SER A 101 -6.75 -10.72 0.50
C SER A 101 -5.98 -11.68 -0.40
N VAL A 102 -6.03 -11.39 -1.71
CA VAL A 102 -5.23 -12.07 -2.72
C VAL A 102 -4.50 -10.94 -3.45
N ALA A 103 -3.18 -11.04 -3.58
CA ALA A 103 -2.37 -9.88 -4.00
C ALA A 103 -1.14 -10.27 -4.79
N PHE A 104 -0.56 -9.28 -5.48
CA PHE A 104 0.69 -9.46 -6.20
C PHE A 104 1.70 -8.38 -5.81
N SER A 105 2.96 -8.76 -5.68
CA SER A 105 3.99 -7.79 -5.41
C SER A 105 5.18 -8.11 -6.31
N THR A 106 5.94 -7.10 -6.73
CA THR A 106 7.12 -7.36 -7.55
C THR A 106 8.40 -7.11 -6.77
N PHE A 107 9.32 -8.07 -6.74
CA PHE A 107 10.61 -7.83 -6.09
C PHE A 107 11.75 -7.77 -7.08
N VAL A 108 12.78 -6.99 -6.74
CA VAL A 108 14.00 -6.91 -7.56
C VAL A 108 15.20 -7.43 -6.75
N ALA A 109 15.98 -8.30 -7.37
CA ALA A 109 17.19 -8.85 -6.74
C ALA A 109 18.27 -7.78 -6.66
N LYS A 110 18.88 -7.62 -5.49
CA LYS A 110 19.95 -6.64 -5.33
CA LYS A 110 19.95 -6.64 -5.33
C LYS A 110 21.28 -7.33 -5.00
N PRO A 111 22.00 -7.79 -6.03
CA PRO A 111 23.27 -8.50 -5.81
C PRO A 111 24.33 -7.57 -5.28
N VAL A 112 25.44 -8.16 -4.86
CA VAL A 112 26.48 -7.43 -4.19
C VAL A 112 27.82 -7.81 -4.83
N GLY A 113 28.53 -6.82 -5.36
CA GLY A 113 27.99 -5.49 -5.54
C GLY A 113 28.11 -5.10 -7.01
N LYS A 114 28.94 -5.84 -7.75
CA LYS A 114 29.23 -5.55 -9.15
C LYS A 114 28.89 -6.78 -10.00
N GLU A 115 28.31 -7.79 -9.34
CA GLU A 115 27.91 -9.02 -10.01
C GLU A 115 26.49 -8.91 -10.52
N LYS A 116 26.29 -9.28 -11.78
CA LYS A 116 24.95 -9.39 -12.35
C LYS A 116 24.27 -10.64 -11.78
N ILE A 117 22.95 -10.62 -11.70
CA ILE A 117 22.21 -11.75 -11.14
C ILE A 117 21.54 -12.55 -12.26
N HIS A 118 21.58 -13.86 -12.13
CA HIS A 118 20.94 -14.74 -13.09
C HIS A 118 19.76 -15.45 -12.43
N LEU A 119 18.55 -14.97 -12.77
CA LEU A 119 17.34 -15.56 -12.22
C LEU A 119 16.94 -16.82 -13.00
N LYS A 120 16.94 -17.96 -12.31
CA LYS A 120 16.40 -19.23 -12.81
C LYS A 120 14.96 -19.10 -13.32
N PRO A 121 14.59 -19.97 -14.26
CA PRO A 121 13.18 -20.15 -14.66
C PRO A 121 12.38 -20.74 -13.51
N VAL A 122 11.20 -20.20 -13.22
CA VAL A 122 10.40 -20.75 -12.15
C VAL A 122 9.88 -22.12 -12.59
N THR A 123 9.91 -23.09 -11.69
CA THR A 123 9.43 -24.44 -11.99
C THR A 123 7.92 -24.43 -12.25
N LEU A 124 7.50 -25.06 -13.35
CA LEU A 124 6.09 -25.08 -13.73
C LEU A 124 5.55 -26.50 -13.73
N LEU A 125 4.59 -26.76 -12.84
CA LEU A 125 4.06 -28.11 -12.63
C LEU A 125 2.58 -28.23 -12.99
N THR A 126 1.72 -27.67 -12.17
CA THR A 126 0.29 -27.68 -12.42
C THR A 126 -0.14 -26.78 -13.59
N GLU A 127 -1.38 -26.98 -14.00
CA GLU A 127 -2.07 -26.14 -14.96
C GLU A 127 -1.96 -24.67 -14.54
N GLN A 128 -2.35 -24.40 -13.29
CA GLN A 128 -2.31 -23.05 -12.72
C GLN A 128 -0.91 -22.42 -12.75
N ASP A 129 0.12 -23.22 -12.44
CA ASP A 129 1.49 -22.73 -12.54
C ASP A 129 1.75 -22.15 -13.93
N HIS A 130 1.30 -22.87 -14.95
CA HIS A 130 1.53 -22.44 -16.33
C HIS A 130 0.63 -21.24 -16.68
N VAL A 131 -0.60 -21.23 -16.17
CA VAL A 131 -1.48 -20.10 -16.43
C VAL A 131 -0.90 -18.85 -15.78
N GLU A 132 -0.55 -18.95 -14.50
CA GLU A 132 0.01 -17.83 -13.76
C GLU A 132 1.28 -17.27 -14.39
N HIS A 133 2.08 -18.16 -14.96
CA HIS A 133 3.30 -17.76 -15.65
C HIS A 133 2.97 -16.86 -16.86
N ASN A 134 1.94 -17.20 -17.62
CA ASN A 134 1.48 -16.30 -18.66
C ASN A 134 0.87 -15.01 -18.12
N LEU A 135 -0.03 -15.14 -17.14
CA LEU A 135 -0.71 -13.98 -16.60
C LEU A 135 0.29 -12.96 -16.05
N ALA A 136 1.42 -13.45 -15.52
CA ALA A 136 2.45 -12.57 -14.99
C ALA A 136 2.93 -11.59 -16.06
N ALA A 137 3.13 -12.04 -17.29
CA ALA A 137 3.54 -11.13 -18.36
C ALA A 137 2.49 -10.04 -18.63
N GLU A 138 1.21 -10.42 -18.59
CA GLU A 138 0.12 -9.45 -18.70
C GLU A 138 0.13 -8.48 -17.50
N ARG A 139 0.07 -9.02 -16.29
CA ARG A 139 0.10 -8.18 -15.09
C ARG A 139 1.30 -7.24 -15.07
N ARG A 140 2.42 -7.68 -15.64
CA ARG A 140 3.58 -6.81 -15.75
C ARG A 140 3.29 -5.62 -16.69
N LYS A 141 2.52 -5.86 -17.75
CA LYS A 141 2.18 -4.79 -18.68
C LYS A 141 1.33 -3.73 -17.99
N VAL A 142 0.32 -4.17 -17.23
CA VAL A 142 -0.49 -3.24 -16.44
C VAL A 142 0.38 -2.42 -15.46
N ARG A 143 1.29 -3.08 -14.74
CA ARG A 143 2.22 -2.37 -13.85
C ARG A 143 2.97 -1.25 -14.56
N LEU A 144 3.53 -1.58 -15.73
CA LEU A 144 4.37 -0.66 -16.47
C LEU A 144 3.59 0.50 -17.14
N GLN A 145 2.34 0.25 -17.54
CA GLN A 145 1.51 1.27 -18.19
C GLN A 145 0.67 2.11 -17.21
N HIS A 146 0.80 1.83 -15.91
CA HIS A 146 -0.10 2.38 -14.89
C HIS A 146 0.00 3.89 -14.73
N GLU A 147 1.23 4.41 -14.67
CA GLU A 147 1.43 5.85 -14.59
C GLU A 147 0.79 6.57 -15.77
N ASP A 148 0.92 6.02 -16.97
CA ASP A 148 0.43 6.72 -18.16
C ASP A 148 -1.09 6.59 -18.27
N THR A 149 -1.61 5.44 -17.88
CA THR A 149 -3.05 5.22 -17.91
C THR A 149 -3.77 6.28 -17.07
N PHE A 150 -3.19 6.59 -15.91
CA PHE A 150 -3.76 7.56 -15.00
C PHE A 150 -3.60 8.97 -15.59
N ASN A 151 -2.36 9.32 -15.94
CA ASN A 151 -2.03 10.58 -16.60
C ASN A 151 -2.93 10.91 -17.79
N ASN A 152 -3.37 9.89 -18.52
CA ASN A 152 -4.27 10.09 -19.65
C ASN A 152 -5.71 10.33 -19.22
N LEU A 153 -6.15 9.65 -18.16
CA LEU A 153 -7.52 9.85 -17.66
C LEU A 153 -7.66 11.27 -17.15
N MET A 154 -6.56 11.77 -16.62
CA MET A 154 -6.53 13.11 -16.05
C MET A 154 -6.75 14.19 -17.12
N LYS A 155 -6.33 13.90 -18.36
CA LYS A 155 -6.58 14.77 -19.51
C LYS A 155 -8.06 14.93 -19.84
N GLU A 156 -8.86 13.92 -19.51
CA GLU A 156 -10.31 13.96 -19.75
C GLU A 156 -11.08 14.65 -18.61
N SER A 157 -10.43 14.85 -17.46
CA SER A 157 -11.07 15.57 -16.35
C SER A 157 -11.04 17.10 -16.56
N SER A 158 -11.88 17.81 -15.81
CA SER A 158 -12.17 19.23 -16.08
C SER A 158 -10.97 20.20 -16.19
N LYS A 159 -10.06 20.18 -15.22
CA LYS A 159 -8.94 21.15 -15.13
C LYS A 159 -9.42 22.60 -14.92
N PHE A 160 -10.73 22.77 -14.81
CA PHE A 160 -11.35 24.05 -14.49
C PHE A 160 -11.76 24.03 -13.02
N ASP A 161 -11.18 24.95 -12.25
CA ASP A 161 -11.32 24.96 -10.81
C ASP A 161 -12.56 25.73 -10.31
N ASP A 162 -13.63 25.74 -11.11
CA ASP A 162 -14.80 26.55 -10.78
C ASP A 162 -15.87 25.78 -9.99
N LEU A 163 -15.60 24.51 -9.71
CA LEU A 163 -16.58 23.65 -9.02
C LEU A 163 -16.95 24.10 -7.58
N ILE A 164 -18.22 24.43 -7.38
CA ILE A 164 -18.68 24.86 -6.06
C ILE A 164 -19.99 24.14 -5.69
N PHE A 165 -19.98 23.45 -4.55
CA PHE A 165 -21.18 22.78 -4.09
C PHE A 165 -22.10 23.76 -3.36
N ASP A 166 -23.40 23.48 -3.40
CA ASP A 166 -24.40 24.30 -2.74
C ASP A 166 -24.13 24.32 -1.25
N GLU A 167 -24.70 25.31 -0.57
CA GLU A 167 -24.51 25.49 0.86
C GLU A 167 -25.20 24.34 1.60
N GLU A 168 -26.29 23.86 1.03
CA GLU A 168 -27.08 22.78 1.65
C GLU A 168 -26.47 21.42 1.35
N GLU A 169 -25.49 21.39 0.46
CA GLU A 169 -24.80 20.14 0.19
C GLU A 169 -23.98 19.71 1.41
N GLY A 170 -23.53 20.66 2.22
CA GLY A 170 -22.74 20.38 3.40
C GLY A 170 -21.33 19.88 3.12
N ALA A 171 -20.75 20.36 2.03
CA ALA A 171 -19.41 19.95 1.66
C ALA A 171 -18.39 20.58 2.62
N VAL A 172 -17.29 19.88 2.87
CA VAL A 172 -16.27 20.40 3.78
C VAL A 172 -14.93 20.41 3.08
N SER A 173 -14.00 21.21 3.58
CA SER A 173 -12.67 21.21 3.01
C SER A 173 -11.83 20.08 3.61
N THR A 174 -10.73 19.76 2.96
CA THR A 174 -9.89 18.67 3.39
C THR A 174 -8.76 19.21 4.26
N ARG A 175 -8.74 20.52 4.45
CA ARG A 175 -7.60 21.22 5.06
C ARG A 175 -7.25 20.69 6.46
N GLY A 176 -8.28 20.47 7.28
CA GLY A 176 -8.10 19.93 8.62
C GLY A 176 -7.88 18.42 8.67
N THR A 177 -7.66 17.77 7.52
CA THR A 177 -7.36 16.35 7.54
C THR A 177 -5.91 16.05 7.13
N SER A 178 -5.10 17.09 6.88
CA SER A 178 -3.71 16.85 6.52
C SER A 178 -2.92 16.39 7.74
N VAL A 179 -1.97 15.49 7.51
CA VAL A 179 -1.19 14.92 8.59
C VAL A 179 0.26 14.86 8.16
N GLN A 180 1.16 15.18 9.07
CA GLN A 180 2.58 14.98 8.78
C GLN A 180 3.26 14.21 9.89
N SER A 181 4.13 13.31 9.49
CA SER A 181 4.90 12.59 10.47
C SER A 181 6.31 12.33 9.93
N ILE A 182 7.13 11.72 10.77
CA ILE A 182 8.49 11.46 10.38
C ILE A 182 8.99 10.21 11.11
N GLU A 183 9.79 9.41 10.40
CA GLU A 183 10.36 8.21 10.99
C GLU A 183 11.84 8.15 10.66
N LEU A 184 12.61 7.77 11.66
CA LEU A 184 14.03 7.57 11.47
C LEU A 184 14.22 6.09 11.10
N VAL A 185 14.90 5.81 9.98
CA VAL A 185 15.13 4.41 9.61
C VAL A 185 16.28 3.77 10.42
N LEU A 186 15.93 2.77 11.23
CA LEU A 186 16.86 2.08 12.13
C LEU A 186 17.12 0.63 11.64
N PRO A 187 18.23 0.00 12.10
CA PRO A 187 18.58 -1.33 11.61
C PRO A 187 17.48 -2.41 11.54
N PRO A 188 16.50 -2.43 12.48
CA PRO A 188 15.39 -3.39 12.30
C PRO A 188 14.45 -3.04 11.15
N HIS A 189 14.64 -1.88 10.55
CA HIS A 189 13.75 -1.43 9.48
C HIS A 189 14.31 -1.74 8.12
N ALA A 190 15.49 -2.36 8.09
CA ALA A 190 16.19 -2.60 6.83
C ALA A 190 16.78 -4.00 6.81
N ASN A 191 16.99 -4.57 5.62
CA ASN A 191 17.70 -5.86 5.51
C ASN A 191 19.16 -5.75 5.95
N HIS A 192 19.91 -6.85 5.91
CA HIS A 192 21.28 -6.80 6.41
C HIS A 192 22.23 -6.00 5.52
N HIS A 193 21.78 -5.56 4.35
CA HIS A 193 22.58 -4.66 3.52
C HIS A 193 22.20 -3.21 3.76
N GLY A 194 21.31 -2.97 4.72
CA GLY A 194 20.94 -1.62 5.08
C GLY A 194 19.79 -1.03 4.28
N ASN A 195 19.24 -1.79 3.33
CA ASN A 195 18.12 -1.31 2.51
C ASN A 195 16.77 -1.40 3.21
N THR A 196 16.12 -0.26 3.35
CA THR A 196 14.84 -0.15 4.03
C THR A 196 13.82 -1.14 3.45
N PHE A 197 13.13 -1.88 4.33
CA PHE A 197 12.08 -2.79 3.86
C PHE A 197 10.91 -1.98 3.32
N GLY A 198 10.36 -2.40 2.18
CA GLY A 198 9.18 -1.74 1.64
C GLY A 198 7.98 -1.91 2.55
N GLY A 199 7.92 -3.04 3.24
CA GLY A 199 6.81 -3.31 4.14
C GLY A 199 6.80 -2.30 5.28
N GLN A 200 7.99 -1.89 5.70
CA GLN A 200 8.11 -0.97 6.81
C GLN A 200 7.57 0.37 6.40
N ILE A 201 7.92 0.80 5.18
CA ILE A 201 7.40 2.04 4.64
C ILE A 201 5.86 1.98 4.53
N MET A 202 5.34 0.85 4.10
CA MET A 202 3.89 0.69 3.98
C MET A 202 3.17 0.79 5.33
N ALA A 203 3.75 0.17 6.36
CA ALA A 203 3.16 0.20 7.70
C ALA A 203 3.09 1.64 8.23
N TRP A 204 4.19 2.37 8.07
CA TRP A 204 4.24 3.78 8.44
C TRP A 204 3.25 4.66 7.63
N MET A 205 3.24 4.49 6.30
CA MET A 205 2.28 5.10 5.39
C MET A 205 0.85 5.01 5.93
N GLU A 206 0.46 3.78 6.28
CA GLU A 206 -0.93 3.47 6.57
C GLU A 206 -1.33 4.10 7.89
N THR A 207 -0.39 4.15 8.82
CA THR A 207 -0.63 4.74 10.14
C THR A 207 -0.84 6.26 10.07
N VAL A 208 -0.10 6.92 9.19
CA VAL A 208 -0.35 8.32 8.92
C VAL A 208 -1.69 8.49 8.19
N ALA A 209 -1.95 7.64 7.21
CA ALA A 209 -3.15 7.79 6.38
C ALA A 209 -4.42 7.62 7.21
N THR A 210 -4.41 6.68 8.14
CA THR A 210 -5.60 6.44 8.94
C THR A 210 -5.93 7.65 9.83
N ILE A 211 -4.91 8.35 10.31
CA ILE A 211 -5.14 9.54 11.11
C ILE A 211 -5.89 10.59 10.27
N SER A 212 -5.47 10.70 9.01
CA SER A 212 -6.10 11.62 8.06
C SER A 212 -7.59 11.28 7.88
N ALA A 213 -7.91 10.00 7.68
CA ALA A 213 -9.31 9.58 7.54
C ALA A 213 -10.08 9.91 8.82
N SER A 214 -9.44 9.67 9.97
CA SER A 214 -10.05 9.95 11.26
C SER A 214 -10.46 11.43 11.41
N ARG A 215 -9.63 12.33 10.90
CA ARG A 215 -9.87 13.76 11.02
C ARG A 215 -11.02 14.24 10.13
N LEU A 216 -11.59 13.33 9.34
CA LEU A 216 -12.73 13.71 8.52
C LEU A 216 -14.04 13.23 9.12
N CYS A 217 -14.04 12.04 9.71
CA CYS A 217 -15.28 11.43 10.16
C CYS A 217 -15.40 11.38 11.67
N TRP A 218 -14.28 11.51 12.38
CA TRP A 218 -14.25 11.37 13.83
C TRP A 218 -14.84 10.03 14.31
N ALA A 219 -14.61 8.99 13.51
CA ALA A 219 -15.06 7.64 13.83
C ALA A 219 -13.89 6.68 13.78
N HIS A 220 -14.18 5.44 13.39
CA HIS A 220 -13.19 4.36 13.38
C HIS A 220 -12.90 3.85 11.99
N PRO A 221 -11.84 4.37 11.35
CA PRO A 221 -11.55 3.93 9.98
C PRO A 221 -11.07 2.49 9.92
N PHE A 222 -11.36 1.79 8.83
CA PHE A 222 -10.65 0.57 8.52
C PHE A 222 -10.31 0.55 7.06
N LEU A 223 -9.13 0.02 6.75
CA LEU A 223 -8.59 0.08 5.40
C LEU A 223 -9.34 -0.87 4.50
N LYS A 224 -9.71 -0.39 3.32
CA LYS A 224 -10.41 -1.20 2.35
C LYS A 224 -9.47 -1.63 1.22
N SER A 225 -8.57 -0.74 0.80
CA SER A 225 -7.62 -1.05 -0.25
C SER A 225 -6.48 -0.04 -0.42
N VAL A 226 -5.42 -0.50 -1.07
CA VAL A 226 -4.34 0.39 -1.44
C VAL A 226 -4.17 0.18 -2.93
N ASP A 227 -3.97 1.27 -3.68
CA ASP A 227 -3.75 1.16 -5.12
C ASP A 227 -2.35 0.67 -5.45
N MET A 228 -2.25 -0.04 -6.56
CA MET A 228 -0.98 -0.38 -7.14
C MET A 228 -0.05 0.84 -7.13
N PHE A 229 1.19 0.66 -6.65
CA PHE A 229 2.17 1.74 -6.64
C PHE A 229 3.61 1.22 -6.77
N LYS A 230 4.52 2.13 -7.08
CA LYS A 230 5.91 1.78 -7.33
C LYS A 230 6.84 2.41 -6.27
N PHE A 231 7.82 1.65 -5.79
CA PHE A 231 8.93 2.28 -5.08
C PHE A 231 9.94 2.85 -6.08
N ARG A 232 10.08 4.17 -6.08
CA ARG A 232 10.79 4.90 -7.11
C ARG A 232 12.30 4.88 -6.93
N GLY A 233 12.75 4.59 -5.71
CA GLY A 233 14.17 4.60 -5.43
C GLY A 233 14.45 4.02 -4.06
N PRO A 234 15.72 3.67 -3.78
CA PRO A 234 16.16 3.00 -2.55
C PRO A 234 16.10 3.88 -1.29
N SER A 235 15.96 3.24 -0.13
CA SER A 235 16.15 3.94 1.14
C SER A 235 17.08 3.09 2.00
N THR A 236 17.90 3.73 2.83
CA THR A 236 18.85 2.98 3.68
C THR A 236 18.80 3.39 5.16
N VAL A 237 19.38 2.57 6.03
CA VAL A 237 19.46 2.92 7.45
C VAL A 237 20.02 4.33 7.58
N GLY A 238 19.43 5.14 8.46
CA GLY A 238 19.88 6.51 8.66
C GLY A 238 19.03 7.55 7.98
N ASP A 239 18.26 7.13 6.97
CA ASP A 239 17.30 8.02 6.33
C ASP A 239 16.23 8.48 7.32
N ARG A 240 15.76 9.71 7.12
CA ARG A 240 14.50 10.11 7.72
C ARG A 240 13.45 10.06 6.64
N LEU A 241 12.33 9.43 6.94
CA LEU A 241 11.23 9.35 5.99
C LEU A 241 10.15 10.31 6.48
N VAL A 242 9.82 11.30 5.65
CA VAL A 242 8.79 12.29 5.94
C VAL A 242 7.50 11.91 5.23
N PHE A 243 6.43 11.75 6.00
CA PHE A 243 5.13 11.33 5.45
C PHE A 243 4.17 12.50 5.43
N THR A 244 3.49 12.69 4.30
CA THR A 244 2.42 13.69 4.23
C THR A 244 1.16 13.05 3.64
N ALA A 245 0.05 13.20 4.35
CA ALA A 245 -1.18 12.57 3.96
C ALA A 245 -2.30 13.61 4.02
N ILE A 246 -3.32 13.44 3.18
CA ILE A 246 -4.52 14.25 3.26
C ILE A 246 -5.65 13.47 2.56
N VAL A 247 -6.89 13.77 2.96
CA VAL A 247 -8.04 13.24 2.25
C VAL A 247 -8.09 13.86 0.86
N ASN A 248 -8.28 13.04 -0.16
CA ASN A 248 -8.35 13.54 -1.54
C ASN A 248 -9.78 13.73 -2.03
N ASN A 249 -10.65 12.78 -1.66
CA ASN A 249 -12.05 12.83 -2.08
C ASN A 249 -12.85 11.80 -1.30
N THR A 250 -14.17 11.97 -1.35
CA THR A 250 -15.07 11.01 -0.73
C THR A 250 -16.06 10.52 -1.77
N PHE A 251 -16.53 9.29 -1.54
CA PHE A 251 -17.49 8.63 -2.40
C PHE A 251 -18.39 7.84 -1.46
N GLN A 252 -19.40 8.51 -0.89
CA GLN A 252 -20.32 7.90 0.08
C GLN A 252 -19.66 7.26 1.29
N THR A 253 -19.52 5.92 1.25
CA THR A 253 -18.94 5.19 2.39
C THR A 253 -17.40 5.02 2.29
N CYS A 254 -16.81 5.48 1.19
CA CYS A 254 -15.38 5.41 0.98
C CYS A 254 -14.75 6.82 1.04
N VAL A 255 -13.55 6.93 1.60
CA VAL A 255 -12.76 8.14 1.49
C VAL A 255 -11.40 7.77 0.93
N GLU A 256 -10.87 8.57 0.00
CA GLU A 256 -9.48 8.34 -0.42
C GLU A 256 -8.51 9.23 0.35
N VAL A 257 -7.49 8.58 0.97
CA VAL A 257 -6.38 9.32 1.54
C VAL A 257 -5.14 9.05 0.70
N GLY A 258 -4.49 10.13 0.27
CA GLY A 258 -3.21 9.99 -0.41
C GLY A 258 -2.08 10.21 0.59
N VAL A 259 -0.96 9.53 0.35
CA VAL A 259 0.19 9.74 1.22
C VAL A 259 1.46 9.80 0.38
N ARG A 260 2.32 10.76 0.72
CA ARG A 260 3.58 10.93 0.02
C ARG A 260 4.75 10.66 0.98
N VAL A 261 5.78 9.97 0.47
CA VAL A 261 6.93 9.58 1.28
C VAL A 261 8.23 10.14 0.67
N GLU A 262 8.92 10.99 1.42
CA GLU A 262 10.21 11.52 0.98
C GLU A 262 11.34 11.07 1.89
N ALA A 263 12.46 10.65 1.31
CA ALA A 263 13.60 10.21 2.11
C ALA A 263 14.70 11.29 2.12
N PHE A 264 15.41 11.41 3.26
CA PHE A 264 16.57 12.29 3.36
C PHE A 264 17.63 11.58 4.17
N ASP A 265 18.87 11.50 3.67
CA ASP A 265 19.98 11.17 4.57
C ASP A 265 20.33 12.41 5.39
N CYS A 266 21.15 12.22 6.42
CA CYS A 266 21.53 13.32 7.32
C CYS A 266 21.97 14.59 6.58
N GLN A 267 22.79 14.43 5.55
CA GLN A 267 23.21 15.57 4.74
C GLN A 267 22.05 16.23 3.98
N GLU A 268 21.29 15.42 3.25
CA GLU A 268 20.18 15.89 2.42
C GLU A 268 19.14 16.56 3.30
N TRP A 269 19.02 16.06 4.52
CA TRP A 269 18.04 16.53 5.50
C TRP A 269 18.34 17.98 5.89
N ALA A 270 19.61 18.26 6.14
CA ALA A 270 20.02 19.63 6.47
C ALA A 270 19.98 20.55 5.26
N GLU A 271 20.26 19.99 4.07
CA GLU A 271 20.27 20.77 2.83
C GLU A 271 18.91 20.83 2.14
N GLY A 272 17.86 20.31 2.78
CA GLY A 272 16.51 20.44 2.25
C GLY A 272 16.16 19.69 0.98
N ARG A 273 17.08 18.88 0.45
CA ARG A 273 16.83 18.20 -0.81
C ARG A 273 16.62 16.68 -0.62
N GLY A 274 15.37 16.23 -0.69
CA GLY A 274 15.11 14.82 -0.45
C GLY A 274 14.82 14.02 -1.71
N ARG A 275 14.63 12.70 -1.56
CA ARG A 275 14.17 11.87 -2.67
C ARG A 275 12.69 11.46 -2.45
N HIS A 276 11.91 11.43 -3.52
CA HIS A 276 10.54 10.94 -3.43
C HIS A 276 10.57 9.41 -3.55
N ILE A 277 10.23 8.71 -2.46
CA ILE A 277 10.28 7.23 -2.42
C ILE A 277 9.04 6.60 -3.08
N ASN A 278 7.88 7.09 -2.70
CA ASN A 278 6.63 6.63 -3.28
C ASN A 278 5.47 7.51 -2.83
N SER A 279 4.37 7.34 -3.55
CA SER A 279 3.12 7.93 -3.13
C SER A 279 2.12 6.81 -3.22
N ALA A 280 1.09 6.85 -2.38
CA ALA A 280 0.14 5.77 -2.39
C ALA A 280 -1.23 6.33 -2.13
N PHE A 281 -2.26 5.59 -2.51
CA PHE A 281 -3.61 6.06 -2.33
C PHE A 281 -4.44 4.97 -1.69
N LEU A 282 -4.94 5.27 -0.50
CA LEU A 282 -5.61 4.28 0.34
C LEU A 282 -7.08 4.64 0.48
N ILE A 283 -7.95 3.64 0.32
CA ILE A 283 -9.38 3.86 0.50
C ILE A 283 -9.79 3.34 1.87
N TYR A 284 -10.45 4.18 2.67
CA TYR A 284 -10.97 3.73 3.96
C TYR A 284 -12.49 3.74 4.01
N ASN A 285 -13.06 2.82 4.79
CA ASN A 285 -14.43 2.96 5.30
C ASN A 285 -14.28 3.33 6.76
N ALA A 286 -15.40 3.62 7.42
CA ALA A 286 -15.38 3.84 8.87
C ALA A 286 -16.70 3.39 9.51
N ALA A 287 -16.64 2.92 10.74
CA ALA A 287 -17.86 2.57 11.46
C ALA A 287 -18.06 3.48 12.67
N ASP A 288 -19.31 3.65 13.08
CA ASP A 288 -19.63 4.34 14.33
C ASP A 288 -19.52 3.36 15.51
N ASP A 289 -19.96 3.80 16.68
CA ASP A 289 -19.80 3.01 17.90
C ASP A 289 -20.86 1.90 17.99
N LYS A 290 -21.98 2.09 17.30
CA LYS A 290 -22.98 1.04 17.08
C LYS A 290 -22.65 0.18 15.84
N GLU A 291 -21.40 0.24 15.39
CA GLU A 291 -20.91 -0.54 14.24
C GLU A 291 -21.56 -0.32 12.86
N ASN A 292 -22.20 0.84 12.66
CA ASN A 292 -22.76 1.18 11.36
C ASN A 292 -21.75 1.87 10.45
N LEU A 293 -21.77 1.54 9.17
CA LEU A 293 -20.99 2.29 8.17
C LEU A 293 -21.32 3.77 8.20
N ILE A 294 -20.27 4.58 8.20
CA ILE A 294 -20.36 6.02 8.17
C ILE A 294 -20.46 6.48 6.72
N THR A 295 -21.31 7.48 6.45
CA THR A 295 -21.28 8.17 5.16
C THR A 295 -20.46 9.44 5.33
N PHE A 296 -19.41 9.57 4.52
CA PHE A 296 -18.55 10.74 4.59
C PHE A 296 -19.23 11.93 3.93
N PRO A 297 -18.92 13.15 4.42
CA PRO A 297 -19.43 14.34 3.73
C PRO A 297 -18.84 14.51 2.34
N ARG A 298 -19.52 15.30 1.53
CA ARG A 298 -19.04 15.70 0.23
C ARG A 298 -17.81 16.59 0.46
N ILE A 299 -16.86 16.52 -0.47
CA ILE A 299 -15.63 17.29 -0.34
C ILE A 299 -15.69 18.52 -1.22
N GLN A 300 -15.27 19.66 -0.67
CA GLN A 300 -15.22 20.90 -1.43
C GLN A 300 -13.76 21.31 -1.64
N PRO A 301 -13.23 21.10 -2.86
CA PRO A 301 -11.86 21.51 -3.16
C PRO A 301 -11.76 23.03 -3.16
N ILE A 302 -10.63 23.55 -2.72
CA ILE A 302 -10.42 24.98 -2.64
C ILE A 302 -9.15 25.35 -3.41
N SER A 303 -8.00 24.84 -2.98
CA SER A 303 -6.72 25.14 -3.66
C SER A 303 -6.54 24.41 -5.00
N LYS A 304 -5.54 24.85 -5.76
CA LYS A 304 -5.15 24.15 -6.99
C LYS A 304 -4.79 22.67 -6.70
N ASP A 305 -4.16 22.43 -5.55
CA ASP A 305 -3.81 21.06 -5.13
C ASP A 305 -5.08 20.28 -4.80
N ASP A 306 -5.98 20.92 -4.07
CA ASP A 306 -7.26 20.32 -3.68
C ASP A 306 -7.95 19.73 -4.89
N PHE A 307 -8.01 20.53 -5.96
CA PHE A 307 -8.71 20.14 -7.17
C PHE A 307 -8.03 18.99 -7.91
N ARG A 308 -6.70 19.05 -8.02
CA ARG A 308 -5.98 18.01 -8.71
C ARG A 308 -6.22 16.66 -8.03
N ARG A 309 -6.30 16.68 -6.71
CA ARG A 309 -6.48 15.46 -5.92
C ARG A 309 -7.93 14.99 -5.92
N TYR A 310 -8.86 15.93 -6.00
CA TYR A 310 -10.27 15.60 -6.20
C TYR A 310 -10.45 14.84 -7.51
N ARG A 311 -9.91 15.39 -8.61
CA ARG A 311 -9.94 14.69 -9.91
C ARG A 311 -9.13 13.38 -9.87
N GLY A 312 -8.00 13.40 -9.16
CA GLY A 312 -7.13 12.25 -9.06
C GLY A 312 -7.85 11.06 -8.46
N ALA A 313 -8.56 11.29 -7.36
CA ALA A 313 -9.27 10.22 -6.68
C ALA A 313 -10.33 9.64 -7.63
N ILE A 314 -10.96 10.50 -8.41
CA ILE A 314 -11.91 10.07 -9.42
C ILE A 314 -11.25 9.20 -10.48
N ALA A 315 -10.16 9.67 -11.04
CA ALA A 315 -9.45 8.91 -12.08
C ALA A 315 -9.06 7.52 -11.55
N ARG A 316 -8.47 7.53 -10.36
CA ARG A 316 -8.10 6.30 -9.68
C ARG A 316 -9.29 5.37 -9.44
N LYS A 317 -10.43 5.94 -9.01
CA LYS A 317 -11.64 5.13 -8.78
C LYS A 317 -12.13 4.49 -10.08
N ARG A 318 -12.08 5.24 -11.17
CA ARG A 318 -12.56 4.70 -12.43
C ARG A 318 -11.62 3.61 -12.95
N ILE A 319 -10.32 3.84 -12.83
CA ILE A 319 -9.33 2.80 -13.15
C ILE A 319 -9.57 1.52 -12.32
N ARG A 320 -9.96 1.67 -11.05
CA ARG A 320 -10.29 0.51 -10.21
C ARG A 320 -11.53 -0.25 -10.69
N LEU A 321 -12.68 0.41 -10.74
CA LEU A 321 -13.95 -0.19 -11.18
C LEU A 321 -13.82 -0.98 -12.49
N GLY A 322 -13.12 -0.42 -13.48
CA GLY A 322 -12.82 -1.17 -14.69
C GLY A 322 -12.05 -2.45 -14.38
#